data_8VGQ
#
_entry.id   8VGQ
#
_cell.length_a   1.00
_cell.length_b   1.00
_cell.length_c   1.00
_cell.angle_alpha   90.00
_cell.angle_beta   90.00
_cell.angle_gamma   90.00
#
_symmetry.space_group_name_H-M   'P 1'
#
loop_
_entity.id
_entity.type
_entity.pdbx_description
1 polymer 'GTPase KRas'
2 polymer 'Fab 2H11.4DS heavy chain'
3 polymer 'Fab 2H11.4DS light chain'
4 non-polymer 1-{4-[(7M)-6-methyl-7-(5-methyl-2H-indazol-4-yl)quinazolin-4-yl]piperazin-1-yl}propan-1-one
5 non-polymer "GUANOSINE-5'-DIPHOSPHATE"
6 non-polymer 'MAGNESIUM ION'
7 water water
#
loop_
_entity_poly.entity_id
_entity_poly.type
_entity_poly.pdbx_seq_one_letter_code
_entity_poly.pdbx_strand_id
1 'polypeptide(L)'
;GMTEYKLVVVGACGVGKSALTIQLIQNHFVDEYDPTIEDSYRKQVVIDGETSLLDILDTAGQEEYSAMRDQYMRTGEGFL
LVFAINNTKSFEDIHHYREQIKRVKDSEDVPMVLVGNKSDLPSRTVDTKQAQDLARSYGIPFIETSAKTRQGVDDAFYTL
VREIRKHKEK
;
A
2 'polypeptide(L)'
;EVQLQESGPGCVKPPGTLSLTCAVSGGSISSSNWWSWVRQPPGKGLEWIGEIYHSGSTNYNPSLKSRVTISVDKSKNQFS
LKLSSVTAADTAVYYCARGSSSWYDLGPFDYWGQGTCVTVSSASTKGPSVFPLAPSSKSTSGGTAALGCLVKDYFCECPV
TVSWNSGALTSGVHTFPAVLQSSGLYSLSSVVTVPSSSLGTQTYICNVNHKPSNTKVDKKVEPKSCDKTHTHHHHHHP
;
H
3 'polypeptide(L)'
;SVLTQPPSASGTPGQRVTISCSGSSSNIGSNYVYWYQQLCGTAPKLLIYRNNQRPSGVPDRFSGSKSGTSASLAISGLRC
EDEADYYCAAWDERLSGWVFGGGTKLTVLGQPKAAPSVTLFPPSSEELQANKATLVCLISDFYPGAVTVAWKADSSPVKA
GVETTTPSCQSNCNKYAASSYLSLTPEQWKSHRSYSCQVTHEGSTVEKTVAPTECS
;
L
#
loop_
_chem_comp.id
_chem_comp.type
_chem_comp.name
_chem_comp.formula
A1AAW non-polymer 1-{4-[(7M)-6-methyl-7-(5-methyl-2H-indazol-4-yl)quinazolin-4-yl]piperazin-1-yl}propan-1-one 'C24 H26 N6 O'
GDP RNA linking GUANOSINE-5'-DIPHOSPHATE 'C10 H15 N5 O11 P2'
MG non-polymer 'MAGNESIUM ION' 'Mg 2'
#
# COMPACT_ATOMS: atom_id res chain seq x y z
N MET A 2 -8.73 -7.26 -35.91
CA MET A 2 -8.58 -7.09 -34.47
C MET A 2 -9.82 -6.42 -33.94
N THR A 3 -10.92 -7.16 -33.95
CA THR A 3 -12.00 -6.88 -33.04
C THR A 3 -11.74 -7.55 -31.70
N GLU A 4 -12.45 -7.07 -30.69
CA GLU A 4 -12.33 -7.56 -29.32
C GLU A 4 -13.67 -8.05 -28.81
N TYR A 5 -13.66 -9.11 -28.00
CA TYR A 5 -14.86 -9.68 -27.42
C TYR A 5 -14.67 -9.86 -25.93
N LYS A 6 -15.75 -9.66 -25.16
CA LYS A 6 -15.71 -9.72 -23.70
C LYS A 6 -16.73 -10.72 -23.20
N LEU A 7 -16.25 -11.78 -22.54
CA LEU A 7 -17.06 -12.93 -22.16
C LEU A 7 -17.03 -13.11 -20.65
N VAL A 8 -18.14 -13.56 -20.06
CA VAL A 8 -18.24 -13.76 -18.62
C VAL A 8 -18.71 -15.18 -18.32
N VAL A 9 -18.11 -15.81 -17.31
CA VAL A 9 -18.47 -17.15 -16.86
C VAL A 9 -19.16 -17.04 -15.50
N VAL A 10 -20.38 -17.57 -15.38
CA VAL A 10 -21.18 -17.51 -14.16
C VAL A 10 -21.75 -18.87 -13.83
N GLY A 11 -22.02 -19.10 -12.56
CA GLY A 11 -22.52 -20.38 -12.10
C GLY A 11 -22.22 -20.60 -10.64
N ALA A 12 -22.90 -21.58 -10.05
CA ALA A 12 -22.79 -21.84 -8.63
C ALA A 12 -21.37 -22.21 -8.25
N CYS A 13 -21.04 -22.07 -6.97
CA CYS A 13 -19.74 -22.52 -6.47
C CYS A 13 -19.51 -23.98 -6.75
N GLY A 14 -18.27 -24.32 -7.08
CA GLY A 14 -17.86 -25.69 -7.24
C GLY A 14 -18.23 -26.37 -8.54
N VAL A 15 -18.78 -25.66 -9.51
CA VAL A 15 -19.17 -26.30 -10.76
C VAL A 15 -18.04 -26.38 -11.77
N GLY A 16 -16.98 -25.60 -11.59
CA GLY A 16 -15.88 -25.68 -12.54
C GLY A 16 -15.59 -24.46 -13.35
N LYS A 17 -15.97 -23.28 -12.85
CA LYS A 17 -15.68 -22.06 -13.59
C LYS A 17 -14.20 -21.84 -13.80
N SER A 18 -13.41 -21.94 -12.74
CA SER A 18 -11.97 -21.74 -12.85
C SER A 18 -11.33 -22.75 -13.80
N ALA A 19 -11.66 -24.02 -13.66
CA ALA A 19 -10.98 -25.06 -14.43
C ALA A 19 -11.22 -24.93 -15.93
N LEU A 20 -12.42 -24.53 -16.33
CA LEU A 20 -12.71 -24.33 -17.75
C LEU A 20 -11.88 -23.22 -18.35
N THR A 21 -11.71 -22.11 -17.64
CA THR A 21 -10.98 -20.98 -18.20
C THR A 21 -9.51 -21.30 -18.39
N ILE A 22 -8.88 -21.91 -17.39
CA ILE A 22 -7.46 -22.21 -17.48
C ILE A 22 -7.19 -23.22 -18.57
N GLN A 23 -8.11 -24.15 -18.81
CA GLN A 23 -7.97 -25.05 -19.93
C GLN A 23 -7.85 -24.26 -21.23
N LEU A 24 -8.73 -23.30 -21.46
CA LEU A 24 -8.66 -22.54 -22.70
C LEU A 24 -7.38 -21.74 -22.80
N ILE A 25 -6.99 -21.07 -21.72
CA ILE A 25 -5.83 -20.18 -21.79
C ILE A 25 -4.53 -20.97 -21.81
N GLN A 26 -4.36 -21.92 -20.89
CA GLN A 26 -3.06 -22.53 -20.65
C GLN A 26 -2.97 -24.02 -20.98
N ASN A 27 -4.06 -24.65 -21.41
CA ASN A 27 -4.04 -26.03 -21.91
C ASN A 27 -3.63 -27.06 -20.87
N HIS A 28 -3.85 -26.82 -19.59
CA HIS A 28 -3.64 -27.87 -18.60
C HIS A 28 -4.75 -27.80 -17.55
N PHE A 29 -4.85 -28.85 -16.74
CA PHE A 29 -5.94 -29.03 -15.80
C PHE A 29 -5.45 -28.83 -14.38
N VAL A 30 -6.28 -28.22 -13.54
CA VAL A 30 -5.91 -27.86 -12.18
C VAL A 30 -6.86 -28.55 -11.21
N ASP A 31 -6.32 -29.46 -10.39
CA ASP A 31 -7.18 -30.36 -9.62
C ASP A 31 -8.02 -29.62 -8.60
N GLU A 32 -7.48 -28.58 -7.97
CA GLU A 32 -8.34 -27.70 -7.21
C GLU A 32 -7.70 -26.32 -7.18
N TYR A 33 -8.53 -25.30 -7.07
CA TYR A 33 -8.07 -23.95 -7.17
C TYR A 33 -8.81 -23.13 -6.13
N ASP A 34 -8.21 -22.05 -5.72
CA ASP A 34 -8.70 -21.30 -4.58
C ASP A 34 -10.04 -20.69 -4.93
N PRO A 35 -11.13 -21.06 -4.24
CA PRO A 35 -12.45 -20.59 -4.65
C PRO A 35 -12.72 -19.12 -4.43
N THR A 36 -11.82 -18.36 -3.80
CA THR A 36 -12.07 -16.93 -3.65
C THR A 36 -11.53 -16.08 -4.79
N ILE A 37 -10.59 -16.58 -5.59
CA ILE A 37 -9.86 -15.73 -6.52
C ILE A 37 -10.67 -15.46 -7.79
N GLU A 38 -10.85 -14.18 -8.09
CA GLU A 38 -11.51 -13.70 -9.30
C GLU A 38 -10.50 -12.98 -10.18
N ASP A 39 -10.40 -13.39 -11.44
CA ASP A 39 -9.37 -12.87 -12.32
C ASP A 39 -9.86 -12.74 -13.75
N SER A 40 -9.15 -11.94 -14.54
CA SER A 40 -9.42 -11.74 -15.95
C SER A 40 -8.22 -12.17 -16.79
N TYR A 41 -8.48 -12.72 -17.97
CA TYR A 41 -7.43 -13.23 -18.86
C TYR A 41 -7.66 -12.74 -20.28
N ARG A 42 -6.61 -12.78 -21.09
CA ARG A 42 -6.66 -12.36 -22.49
C ARG A 42 -5.94 -13.38 -23.37
N LYS A 43 -6.49 -13.65 -24.54
CA LYS A 43 -5.90 -14.57 -25.49
C LYS A 43 -6.20 -14.13 -26.92
N GLN A 44 -5.31 -14.49 -27.85
CA GLN A 44 -5.55 -14.29 -29.27
C GLN A 44 -5.91 -15.61 -29.93
N VAL A 45 -6.99 -15.63 -30.70
CA VAL A 45 -7.49 -16.84 -31.32
C VAL A 45 -7.92 -16.54 -32.75
N VAL A 46 -8.22 -17.60 -33.48
CA VAL A 46 -8.72 -17.51 -34.86
C VAL A 46 -10.01 -18.32 -34.95
N ILE A 47 -11.11 -17.65 -35.29
CA ILE A 47 -12.41 -18.29 -35.46
C ILE A 47 -12.92 -17.97 -36.85
N ASP A 48 -13.10 -19.00 -37.67
CA ASP A 48 -13.62 -18.86 -39.04
C ASP A 48 -12.75 -17.96 -39.90
N GLY A 49 -11.47 -17.80 -39.57
CA GLY A 49 -10.56 -17.03 -40.35
C GLY A 49 -10.29 -15.63 -39.83
N GLU A 50 -11.17 -15.08 -39.00
CA GLU A 50 -10.98 -13.74 -38.47
C GLU A 50 -10.22 -13.82 -37.16
N THR A 51 -9.11 -13.07 -37.06
CA THR A 51 -8.34 -13.01 -35.84
C THR A 51 -8.92 -12.00 -34.86
N SER A 52 -8.96 -12.36 -33.58
CA SER A 52 -9.59 -11.50 -32.59
C SER A 52 -9.08 -11.84 -31.19
N LEU A 53 -9.26 -10.90 -30.27
CA LEU A 53 -8.81 -11.04 -28.89
C LEU A 53 -10.00 -11.34 -28.00
N LEU A 54 -9.85 -12.33 -27.12
CA LEU A 54 -10.87 -12.63 -26.13
C LEU A 54 -10.44 -12.13 -24.77
N ASP A 55 -11.29 -11.36 -24.11
CA ASP A 55 -11.18 -11.11 -22.68
C ASP A 55 -12.17 -12.00 -21.95
N ILE A 56 -11.73 -12.63 -20.87
CA ILE A 56 -12.55 -13.56 -20.12
C ILE A 56 -12.52 -13.20 -18.64
N LEU A 57 -13.69 -12.96 -18.06
CA LEU A 57 -13.84 -12.69 -16.64
C LEU A 57 -14.32 -13.93 -15.90
N ASP A 58 -13.51 -14.44 -14.99
CA ASP A 58 -13.90 -15.51 -14.10
C ASP A 58 -14.41 -14.96 -12.78
N THR A 59 -15.61 -15.34 -12.38
CA THR A 59 -16.24 -14.75 -11.21
C THR A 59 -16.09 -15.65 -9.99
N ALA A 60 -16.01 -15.01 -8.82
CA ALA A 60 -15.85 -15.73 -7.57
C ALA A 60 -16.28 -14.80 -6.43
N GLY A 61 -15.71 -14.99 -5.26
CA GLY A 61 -15.95 -14.10 -4.13
C GLY A 61 -17.13 -14.56 -3.29
N GLN A 62 -18.07 -13.64 -3.03
CA GLN A 62 -19.31 -14.00 -2.35
C GLN A 62 -20.40 -13.08 -2.85
N GLU A 63 -21.63 -13.42 -2.50
CA GLU A 63 -22.79 -12.70 -3.00
C GLU A 63 -22.87 -11.32 -2.39
N GLU A 64 -22.77 -10.29 -3.24
CA GLU A 64 -22.88 -8.91 -2.82
C GLU A 64 -23.41 -8.10 -3.99
N TYR A 65 -24.20 -7.08 -3.69
CA TYR A 65 -24.81 -6.25 -4.72
C TYR A 65 -24.47 -4.79 -4.42
N SER A 66 -23.67 -4.18 -5.28
CA SER A 66 -23.29 -2.79 -5.14
C SER A 66 -23.40 -2.12 -6.49
N ALA A 67 -23.34 -0.79 -6.49
CA ALA A 67 -23.45 -0.06 -7.74
C ALA A 67 -22.20 -0.15 -8.59
N MET A 68 -21.06 -0.52 -8.01
CA MET A 68 -19.85 -0.68 -8.81
C MET A 68 -19.80 -2.05 -9.47
N ARG A 69 -20.18 -3.10 -8.75
CA ARG A 69 -20.22 -4.42 -9.34
C ARG A 69 -21.15 -4.46 -10.54
N ASP A 70 -22.24 -3.69 -10.50
CA ASP A 70 -23.16 -3.68 -11.63
C ASP A 70 -22.53 -3.06 -12.86
N GLN A 71 -21.49 -2.24 -12.69
CA GLN A 71 -20.76 -1.70 -13.83
C GLN A 71 -19.70 -2.66 -14.32
N TYR A 72 -19.07 -3.36 -13.39
CA TYR A 72 -18.08 -4.36 -13.73
C TYR A 72 -18.69 -5.47 -14.56
N MET A 73 -19.93 -5.83 -14.28
CA MET A 73 -20.60 -6.90 -14.99
C MET A 73 -21.21 -6.41 -16.29
N ARG A 74 -21.86 -5.26 -16.27
CA ARG A 74 -22.47 -4.68 -17.47
C ARG A 74 -21.51 -4.66 -18.65
N THR A 75 -20.23 -4.44 -18.41
CA THR A 75 -19.23 -4.43 -19.48
C THR A 75 -19.24 -5.67 -20.35
N GLY A 76 -19.70 -6.81 -19.84
CA GLY A 76 -19.66 -8.03 -20.61
C GLY A 76 -20.68 -8.04 -21.73
N GLU A 77 -20.31 -8.65 -22.84
CA GLU A 77 -21.16 -8.74 -24.02
C GLU A 77 -21.92 -10.05 -24.13
N GLY A 78 -21.41 -11.14 -23.55
CA GLY A 78 -22.12 -12.40 -23.54
C GLY A 78 -21.67 -13.24 -22.38
N PHE A 79 -22.51 -14.20 -22.01
CA PHE A 79 -22.40 -14.89 -20.73
C PHE A 79 -22.54 -16.40 -20.90
N LEU A 80 -21.78 -17.17 -20.10
CA LEU A 80 -21.87 -18.63 -20.08
C LEU A 80 -22.43 -19.09 -18.75
N LEU A 81 -23.64 -19.66 -18.77
CA LEU A 81 -24.23 -20.25 -17.58
C LEU A 81 -23.73 -21.68 -17.42
N VAL A 82 -23.17 -22.00 -16.25
CA VAL A 82 -22.51 -23.28 -16.00
C VAL A 82 -23.26 -24.04 -14.93
N PHE A 83 -23.51 -25.32 -15.17
CA PHE A 83 -23.94 -26.21 -14.11
C PHE A 83 -23.21 -27.54 -14.23
N ALA A 84 -23.18 -28.30 -13.16
CA ALA A 84 -22.52 -29.59 -13.12
C ALA A 84 -23.53 -30.73 -13.19
N ILE A 85 -23.24 -31.72 -14.03
CA ILE A 85 -24.20 -32.78 -14.29
C ILE A 85 -24.50 -33.65 -13.08
N ASN A 86 -23.63 -33.68 -12.08
CA ASN A 86 -23.89 -34.51 -10.92
C ASN A 86 -24.35 -33.71 -9.71
N ASN A 87 -24.85 -32.49 -9.91
CA ASN A 87 -25.23 -31.62 -8.79
C ASN A 87 -26.57 -30.97 -9.14
N THR A 88 -27.65 -31.56 -8.66
CA THR A 88 -28.99 -31.10 -9.04
C THR A 88 -29.28 -29.68 -8.58
N LYS A 89 -28.77 -29.27 -7.42
CA LYS A 89 -29.07 -27.93 -6.97
C LYS A 89 -28.45 -26.88 -7.85
N SER A 90 -27.26 -27.17 -8.39
CA SER A 90 -26.63 -26.27 -9.33
C SER A 90 -27.42 -26.06 -10.60
N PHE A 91 -28.33 -26.96 -10.92
CA PHE A 91 -29.15 -26.81 -12.13
C PHE A 91 -30.35 -25.92 -11.91
N GLU A 92 -30.94 -25.96 -10.72
CA GLU A 92 -32.06 -25.07 -10.42
C GLU A 92 -31.62 -23.61 -10.34
N ASP A 93 -30.42 -23.35 -9.84
CA ASP A 93 -29.92 -21.99 -9.75
C ASP A 93 -29.86 -21.25 -11.07
N ILE A 94 -29.97 -21.96 -12.21
CA ILE A 94 -29.81 -21.30 -13.49
C ILE A 94 -30.79 -20.15 -13.68
N HIS A 95 -32.00 -20.29 -13.16
CA HIS A 95 -33.00 -19.25 -13.34
C HIS A 95 -32.59 -17.95 -12.64
N HIS A 96 -32.11 -18.06 -11.41
CA HIS A 96 -31.67 -16.88 -10.69
C HIS A 96 -30.61 -16.11 -11.44
N TYR A 97 -29.63 -16.81 -12.01
CA TYR A 97 -28.54 -16.14 -12.71
C TYR A 97 -29.04 -15.42 -13.95
N ARG A 98 -29.98 -16.01 -14.67
CA ARG A 98 -30.48 -15.36 -15.88
C ARG A 98 -31.17 -14.04 -15.57
N GLU A 99 -31.99 -13.98 -14.51
CA GLU A 99 -32.72 -12.75 -14.24
C GLU A 99 -31.84 -11.62 -13.77
N GLN A 100 -30.78 -11.93 -13.01
CA GLN A 100 -29.85 -10.88 -12.62
C GLN A 100 -29.17 -10.27 -13.83
N ILE A 101 -28.88 -11.08 -14.84
CA ILE A 101 -28.19 -10.59 -16.02
C ILE A 101 -29.02 -9.58 -16.79
N LYS A 102 -30.32 -9.86 -16.95
CA LYS A 102 -31.16 -8.89 -17.66
C LYS A 102 -31.38 -7.63 -16.84
N ARG A 103 -31.45 -7.75 -15.52
CA ARG A 103 -31.58 -6.57 -14.67
C ARG A 103 -30.47 -5.54 -14.90
N VAL A 104 -29.29 -5.94 -15.38
CA VAL A 104 -28.22 -4.99 -15.59
C VAL A 104 -27.93 -4.78 -17.06
N LYS A 105 -28.73 -5.35 -17.95
CA LYS A 105 -28.52 -5.15 -19.37
C LYS A 105 -29.74 -4.59 -20.07
N ASP A 106 -30.81 -4.28 -19.35
CA ASP A 106 -31.88 -3.41 -19.86
C ASP A 106 -32.55 -4.03 -21.08
N SER A 107 -32.54 -5.35 -21.20
CA SER A 107 -33.01 -5.97 -22.42
C SER A 107 -33.47 -7.38 -22.12
N GLU A 108 -34.32 -7.90 -22.99
CA GLU A 108 -34.61 -9.33 -22.97
C GLU A 108 -33.65 -10.14 -23.83
N ASP A 109 -33.21 -9.60 -24.96
CA ASP A 109 -32.28 -10.27 -25.85
C ASP A 109 -30.85 -10.05 -25.37
N VAL A 110 -30.18 -11.11 -24.94
CA VAL A 110 -28.75 -11.08 -24.58
C VAL A 110 -28.14 -12.40 -25.05
N PRO A 111 -26.96 -12.37 -25.67
CA PRO A 111 -26.28 -13.63 -26.05
C PRO A 111 -25.87 -14.48 -24.85
N MET A 112 -26.33 -15.72 -24.82
CA MET A 112 -26.00 -16.66 -23.75
C MET A 112 -25.85 -18.06 -24.31
N VAL A 113 -25.08 -18.90 -23.60
CA VAL A 113 -24.97 -20.33 -23.88
C VAL A 113 -24.98 -21.10 -22.56
N LEU A 114 -25.61 -22.28 -22.57
CA LEU A 114 -25.75 -23.13 -21.39
C LEU A 114 -24.74 -24.27 -21.43
N VAL A 115 -23.97 -24.44 -20.34
CA VAL A 115 -22.85 -25.38 -20.27
C VAL A 115 -23.11 -26.41 -19.18
N GLY A 116 -23.15 -27.68 -19.55
CA GLY A 116 -23.21 -28.79 -18.60
C GLY A 116 -21.87 -29.47 -18.37
N ASN A 117 -21.19 -29.16 -17.26
CA ASN A 117 -19.82 -29.58 -17.03
C ASN A 117 -19.73 -30.92 -16.31
N LYS A 118 -18.51 -31.47 -16.28
CA LYS A 118 -18.16 -32.74 -15.61
C LYS A 118 -18.80 -33.95 -16.28
N SER A 119 -18.88 -33.96 -17.60
CA SER A 119 -19.40 -35.14 -18.28
C SER A 119 -18.51 -36.38 -18.19
N ASP A 120 -17.33 -36.32 -17.58
CA ASP A 120 -16.56 -37.54 -17.36
C ASP A 120 -16.99 -38.35 -16.15
N LEU A 121 -17.96 -37.92 -15.40
CA LEU A 121 -18.33 -38.69 -14.21
C LEU A 121 -19.59 -39.50 -14.49
N PRO A 122 -19.60 -40.78 -14.10
CA PRO A 122 -20.71 -41.65 -14.52
C PRO A 122 -22.03 -41.41 -13.78
N SER A 123 -22.01 -40.91 -12.55
CA SER A 123 -23.23 -40.75 -11.75
C SER A 123 -23.99 -39.49 -12.13
N ARG A 124 -24.65 -39.53 -13.28
CA ARG A 124 -25.56 -38.46 -13.66
C ARG A 124 -26.74 -38.39 -12.70
N THR A 125 -27.09 -37.16 -12.31
CA THR A 125 -28.37 -36.89 -11.69
C THR A 125 -29.25 -35.93 -12.48
N VAL A 126 -28.73 -35.34 -13.55
CA VAL A 126 -29.52 -34.55 -14.49
C VAL A 126 -29.43 -35.24 -15.84
N ASP A 127 -30.56 -35.68 -16.37
CA ASP A 127 -30.52 -36.30 -17.68
C ASP A 127 -30.30 -35.25 -18.75
N THR A 128 -30.03 -35.71 -19.97
CA THR A 128 -29.74 -34.80 -21.07
C THR A 128 -30.99 -34.15 -21.63
N LYS A 129 -32.16 -34.74 -21.44
CA LYS A 129 -33.37 -34.17 -22.03
C LYS A 129 -33.83 -32.96 -21.26
N GLN A 130 -33.77 -33.02 -19.92
CA GLN A 130 -34.12 -31.86 -19.10
C GLN A 130 -33.35 -30.62 -19.52
N ALA A 131 -32.06 -30.77 -19.80
CA ALA A 131 -31.26 -29.61 -20.18
C ALA A 131 -31.67 -29.05 -21.53
N GLN A 132 -31.99 -29.92 -22.50
CA GLN A 132 -32.41 -29.39 -23.79
C GLN A 132 -33.75 -28.67 -23.71
N ASP A 133 -34.67 -29.16 -22.88
CA ASP A 133 -35.96 -28.47 -22.75
C ASP A 133 -35.80 -27.10 -22.13
N LEU A 134 -34.96 -26.98 -21.11
CA LEU A 134 -34.72 -25.67 -20.54
C LEU A 134 -34.07 -24.74 -21.55
N ALA A 135 -33.08 -25.24 -22.29
CA ALA A 135 -32.41 -24.40 -23.27
C ALA A 135 -33.35 -23.96 -24.38
N ARG A 136 -34.23 -24.85 -24.84
CA ARG A 136 -35.18 -24.47 -25.88
C ARG A 136 -36.16 -23.42 -25.39
N SER A 137 -36.54 -23.47 -24.11
CA SER A 137 -37.41 -22.44 -23.55
C SER A 137 -36.73 -21.08 -23.55
N TYR A 138 -35.47 -21.02 -23.16
CA TYR A 138 -34.70 -19.77 -23.18
C TYR A 138 -34.24 -19.38 -24.56
N GLY A 139 -34.28 -20.27 -25.54
CA GLY A 139 -33.89 -19.91 -26.89
C GLY A 139 -32.40 -19.86 -27.14
N ILE A 140 -31.61 -20.69 -26.48
CA ILE A 140 -30.15 -20.60 -26.54
C ILE A 140 -29.59 -22.00 -26.77
N PRO A 141 -28.35 -22.09 -27.25
CA PRO A 141 -27.70 -23.40 -27.42
C PRO A 141 -27.32 -24.07 -26.11
N PHE A 142 -27.12 -25.39 -26.18
CA PHE A 142 -26.66 -26.20 -25.05
C PHE A 142 -25.45 -27.03 -25.46
N ILE A 143 -24.45 -27.09 -24.58
CA ILE A 143 -23.19 -27.78 -24.81
C ILE A 143 -22.81 -28.60 -23.58
N GLU A 144 -22.34 -29.83 -23.80
CA GLU A 144 -21.76 -30.65 -22.75
C GLU A 144 -20.25 -30.65 -22.82
N THR A 145 -19.59 -30.51 -21.68
CA THR A 145 -18.14 -30.37 -21.67
C THR A 145 -17.54 -31.23 -20.57
N SER A 146 -16.24 -31.43 -20.66
CA SER A 146 -15.43 -31.88 -19.54
C SER A 146 -14.12 -31.11 -19.54
N ALA A 147 -13.68 -30.69 -18.38
CA ALA A 147 -12.42 -29.99 -18.27
C ALA A 147 -11.29 -30.88 -17.82
N LYS A 148 -11.54 -32.17 -17.64
CA LYS A 148 -10.47 -33.10 -17.31
C LYS A 148 -9.88 -33.73 -18.54
N THR A 149 -10.57 -33.68 -19.67
CA THR A 149 -10.08 -34.25 -20.89
C THR A 149 -10.05 -33.25 -22.03
N ARG A 150 -10.59 -32.05 -21.83
CA ARG A 150 -10.62 -30.99 -22.82
C ARG A 150 -11.57 -31.31 -23.97
N GLN A 151 -12.66 -31.99 -23.66
CA GLN A 151 -13.66 -32.36 -24.65
C GLN A 151 -14.78 -31.34 -24.62
N GLY A 152 -14.85 -30.51 -25.65
CA GLY A 152 -15.90 -29.53 -25.76
C GLY A 152 -15.53 -28.15 -25.30
N VAL A 153 -14.32 -27.96 -24.78
CA VAL A 153 -13.95 -26.68 -24.20
C VAL A 153 -13.91 -25.59 -25.26
N ASP A 154 -13.13 -25.81 -26.33
CA ASP A 154 -13.05 -24.83 -27.40
C ASP A 154 -14.42 -24.55 -28.00
N ASP A 155 -15.18 -25.59 -28.27
CA ASP A 155 -16.50 -25.44 -28.87
C ASP A 155 -17.38 -24.49 -28.06
N ALA A 156 -17.50 -24.72 -26.76
CA ALA A 156 -18.30 -23.86 -25.89
C ALA A 156 -17.99 -22.39 -26.08
N PHE A 157 -16.73 -21.99 -25.90
CA PHE A 157 -16.38 -20.58 -26.00
C PHE A 157 -16.62 -20.04 -27.39
N TYR A 158 -16.30 -20.81 -28.42
CA TYR A 158 -16.46 -20.30 -29.78
C TYR A 158 -17.92 -20.10 -30.16
N THR A 159 -18.81 -20.94 -29.64
CA THR A 159 -20.24 -20.75 -29.90
C THR A 159 -20.72 -19.42 -29.37
N LEU A 160 -20.29 -19.05 -28.16
CA LEU A 160 -20.65 -17.75 -27.62
C LEU A 160 -20.22 -16.62 -28.55
N VAL A 161 -18.99 -16.68 -29.05
CA VAL A 161 -18.51 -15.60 -29.91
C VAL A 161 -19.40 -15.45 -31.13
N ARG A 162 -19.80 -16.55 -31.75
CA ARG A 162 -20.69 -16.46 -32.89
C ARG A 162 -22.05 -15.86 -32.51
N GLU A 163 -22.53 -16.14 -31.30
CA GLU A 163 -23.73 -15.46 -30.81
C GLU A 163 -23.56 -13.96 -30.87
N ILE A 164 -22.48 -13.45 -30.28
CA ILE A 164 -22.24 -12.01 -30.24
C ILE A 164 -22.20 -11.40 -31.64
N ARG A 165 -22.01 -12.19 -32.68
CA ARG A 165 -21.96 -11.60 -34.01
C ARG A 165 -23.33 -11.50 -34.67
N LYS A 166 -24.19 -12.49 -34.48
CA LYS A 166 -25.56 -12.38 -34.97
C LYS A 166 -26.27 -11.18 -34.37
N HIS A 167 -26.00 -10.88 -33.10
CA HIS A 167 -26.57 -9.69 -32.47
C HIS A 167 -26.37 -8.44 -33.31
N LYS A 168 -25.13 -8.00 -33.44
CA LYS A 168 -24.83 -6.77 -34.18
C LYS A 168 -25.35 -6.81 -35.61
N GLU B 1 -8.64 -10.05 -2.05
CA GLU B 1 -8.06 -9.24 -3.12
C GLU B 1 -6.61 -9.60 -3.29
N VAL B 2 -5.99 -9.11 -4.36
CA VAL B 2 -4.57 -9.34 -4.54
C VAL B 2 -3.80 -8.69 -3.41
N GLN B 3 -2.70 -9.33 -2.99
CA GLN B 3 -1.81 -8.81 -1.96
C GLN B 3 -0.40 -8.77 -2.51
N LEU B 4 0.34 -7.71 -2.19
CA LEU B 4 1.69 -7.51 -2.69
C LEU B 4 2.63 -7.24 -1.54
N GLN B 5 3.77 -7.93 -1.50
CA GLN B 5 4.74 -7.79 -0.41
C GLN B 5 6.16 -7.73 -0.98
N GLU B 6 6.84 -6.59 -0.85
CA GLU B 6 8.21 -6.44 -1.34
C GLU B 6 9.26 -6.76 -0.29
N SER B 7 10.43 -7.18 -0.76
CA SER B 7 11.53 -7.56 0.12
C SER B 7 12.87 -7.17 -0.50
N GLY B 8 13.86 -6.92 0.35
CA GLY B 8 15.20 -6.60 -0.10
C GLY B 8 16.14 -6.17 1.01
N PRO B 9 17.40 -5.91 0.67
CA PRO B 9 18.37 -5.43 1.65
C PRO B 9 18.19 -3.95 1.94
N GLY B 10 18.27 -3.59 3.21
CA GLY B 10 18.07 -2.20 3.59
C GLY B 10 19.24 -1.26 3.35
N CYS B 11 20.46 -1.79 3.18
CA CYS B 11 21.63 -0.96 2.96
C CYS B 11 22.46 -1.52 1.81
N VAL B 12 23.02 -0.61 0.99
CA VAL B 12 23.86 -0.98 -0.14
C VAL B 12 25.09 -0.09 -0.17
N LYS B 13 26.24 -0.66 -0.35
CA LYS B 13 27.44 0.12 -0.59
C LYS B 13 27.57 0.44 -2.07
N PRO B 14 27.78 1.68 -2.48
CA PRO B 14 28.15 1.93 -3.85
C PRO B 14 29.53 1.39 -4.13
N PRO B 15 29.81 0.98 -5.37
CA PRO B 15 28.97 0.97 -6.58
C PRO B 15 28.22 -0.35 -6.83
N GLY B 16 27.71 -1.01 -5.81
CA GLY B 16 27.05 -2.29 -5.96
C GLY B 16 25.76 -2.18 -6.76
N THR B 17 25.00 -3.27 -6.74
CA THR B 17 23.73 -3.38 -7.45
C THR B 17 22.61 -3.65 -6.46
N LEU B 18 21.58 -2.81 -6.49
CA LEU B 18 20.39 -3.03 -5.69
C LEU B 18 19.53 -4.13 -6.28
N SER B 19 18.95 -4.97 -5.43
CA SER B 19 18.01 -6.01 -5.86
C SER B 19 16.79 -6.07 -4.96
N LEU B 20 15.60 -6.17 -5.56
CA LEU B 20 14.35 -6.19 -4.82
C LEU B 20 13.42 -7.26 -5.39
N THR B 21 12.55 -7.80 -4.54
CA THR B 21 11.58 -8.80 -4.95
C THR B 21 10.19 -8.49 -4.42
N CYS B 22 9.16 -8.67 -5.25
CA CYS B 22 7.76 -8.52 -4.85
C CYS B 22 7.04 -9.84 -5.06
N ALA B 23 6.40 -10.36 -4.00
CA ALA B 23 5.66 -11.61 -4.06
C ALA B 23 4.16 -11.35 -4.09
N VAL B 24 3.45 -12.05 -4.95
CA VAL B 24 2.03 -11.83 -5.21
C VAL B 24 1.21 -12.94 -4.59
N SER B 25 0.11 -12.58 -3.94
CA SER B 25 -0.81 -13.55 -3.37
C SER B 25 -2.23 -13.14 -3.70
N GLY B 26 -3.15 -14.10 -3.61
CA GLY B 26 -4.53 -13.82 -3.91
C GLY B 26 -4.83 -13.51 -5.35
N GLY B 27 -3.96 -13.90 -6.27
CA GLY B 27 -4.15 -13.60 -7.66
C GLY B 27 -3.01 -14.22 -8.43
N SER B 28 -3.16 -14.26 -9.75
CA SER B 28 -2.19 -14.91 -10.60
C SER B 28 -1.36 -13.89 -11.34
N ILE B 29 -0.05 -14.12 -11.39
CA ILE B 29 0.86 -13.29 -12.16
C ILE B 29 0.55 -13.31 -13.65
N SER B 30 -0.34 -14.19 -14.10
CA SER B 30 -0.59 -14.36 -15.51
C SER B 30 -1.91 -13.75 -15.96
N SER B 31 -2.48 -12.84 -15.17
CA SER B 31 -3.67 -12.13 -15.56
C SER B 31 -3.32 -10.93 -16.43
N SER B 32 -4.34 -10.39 -17.09
CA SER B 32 -4.18 -9.25 -17.98
C SER B 32 -3.94 -7.91 -17.30
N ASN B 33 -2.78 -7.72 -16.68
CA ASN B 33 -2.48 -6.53 -15.88
C ASN B 33 -1.01 -6.19 -16.08
N TRP B 34 -0.61 -4.99 -15.67
CA TRP B 34 0.78 -4.57 -15.77
C TRP B 34 1.30 -4.37 -14.36
N TRP B 35 2.57 -4.73 -14.14
CA TRP B 35 3.18 -4.72 -12.82
C TRP B 35 4.28 -3.66 -12.78
N SER B 36 4.21 -2.75 -11.81
CA SER B 36 4.99 -1.52 -11.80
C SER B 36 5.84 -1.36 -10.55
N TRP B 37 6.96 -0.64 -10.70
CA TRP B 37 7.78 -0.19 -9.59
C TRP B 37 7.79 1.33 -9.51
N VAL B 38 7.59 1.89 -8.31
CA VAL B 38 7.55 3.33 -8.05
C VAL B 38 8.37 3.64 -6.81
N ARG B 39 9.05 4.79 -6.79
CA ARG B 39 9.84 5.20 -5.63
C ARG B 39 9.54 6.62 -5.17
N GLN B 40 9.84 6.88 -3.90
CA GLN B 40 9.61 8.17 -3.27
C GLN B 40 10.80 8.60 -2.44
N PRO B 41 11.62 9.53 -2.91
CA PRO B 41 12.73 9.99 -2.10
C PRO B 41 12.22 10.63 -0.83
N PRO B 42 13.00 10.61 0.25
CA PRO B 42 12.49 11.09 1.54
C PRO B 42 12.10 12.56 1.49
N GLY B 43 10.82 12.82 1.74
CA GLY B 43 10.29 14.17 1.71
C GLY B 43 10.06 14.77 0.34
N LYS B 44 9.90 13.97 -0.71
CA LYS B 44 9.72 14.49 -2.05
C LYS B 44 8.66 13.67 -2.79
N GLY B 45 8.30 14.14 -3.98
CA GLY B 45 7.27 13.50 -4.77
C GLY B 45 7.67 12.16 -5.37
N LEU B 46 6.67 11.50 -5.93
CA LEU B 46 6.80 10.15 -6.45
C LEU B 46 7.48 10.13 -7.81
N GLU B 47 8.17 9.03 -8.12
CA GLU B 47 8.73 8.80 -9.44
C GLU B 47 8.44 7.38 -9.91
N TRP B 48 8.11 7.22 -11.20
CA TRP B 48 7.82 5.93 -11.81
C TRP B 48 9.05 5.32 -12.48
N ILE B 49 9.32 4.05 -12.21
CA ILE B 49 10.50 3.37 -12.70
C ILE B 49 10.24 2.56 -13.96
N GLY B 50 9.24 1.69 -13.96
CA GLY B 50 8.99 0.88 -15.15
C GLY B 50 7.91 -0.15 -14.93
N GLU B 51 7.63 -0.88 -16.02
CA GLU B 51 6.54 -1.83 -16.16
C GLU B 51 7.03 -3.18 -16.67
N ILE B 52 6.28 -4.24 -16.35
CA ILE B 52 6.44 -5.51 -17.06
C ILE B 52 5.08 -6.16 -17.27
N TYR B 53 4.95 -6.89 -18.37
CA TYR B 53 3.77 -7.68 -18.69
C TYR B 53 4.15 -9.15 -18.70
N HIS B 54 3.20 -10.01 -18.36
CA HIS B 54 3.54 -11.40 -18.07
C HIS B 54 4.17 -12.13 -19.24
N SER B 55 4.14 -11.58 -20.45
CA SER B 55 4.79 -12.21 -21.59
C SER B 55 6.12 -11.57 -21.94
N GLY B 56 6.69 -10.77 -21.04
CA GLY B 56 8.03 -10.27 -21.20
C GLY B 56 8.22 -8.93 -21.85
N SER B 57 7.14 -8.20 -22.14
CA SER B 57 7.26 -6.85 -22.64
C SER B 57 7.47 -5.85 -21.51
N THR B 58 8.26 -4.80 -21.76
CA THR B 58 8.67 -3.85 -20.73
C THR B 58 8.78 -2.43 -21.27
N ASN B 59 8.42 -1.45 -20.42
CA ASN B 59 8.72 -0.03 -20.64
C ASN B 59 9.50 0.52 -19.46
N TYR B 60 10.46 1.40 -19.73
CA TYR B 60 11.27 2.04 -18.70
C TYR B 60 11.21 3.55 -18.80
N ASN B 61 11.31 4.20 -17.65
CA ASN B 61 11.45 5.64 -17.55
C ASN B 61 12.67 6.12 -18.34
N PRO B 62 12.51 7.04 -19.28
CA PRO B 62 13.65 7.42 -20.14
C PRO B 62 14.88 7.89 -19.41
N SER B 63 14.77 8.42 -18.21
CA SER B 63 15.96 8.91 -17.53
C SER B 63 16.78 7.81 -16.88
N LEU B 64 16.16 6.68 -16.55
CA LEU B 64 16.83 5.54 -15.93
C LEU B 64 17.12 4.41 -16.90
N LYS B 65 16.66 4.52 -18.15
CA LYS B 65 16.55 3.38 -19.06
C LYS B 65 17.82 2.56 -19.18
N SER B 66 18.99 3.16 -18.97
CA SER B 66 20.22 2.41 -19.15
C SER B 66 20.69 1.68 -17.91
N ARG B 67 20.05 1.86 -16.76
CA ARG B 67 20.45 1.18 -15.55
C ARG B 67 19.45 0.18 -15.01
N VAL B 68 18.25 0.10 -15.57
CA VAL B 68 17.14 -0.63 -14.96
C VAL B 68 16.96 -1.95 -15.70
N THR B 69 16.64 -3.01 -14.96
CA THR B 69 16.14 -4.25 -15.53
C THR B 69 15.05 -4.83 -14.65
N ILE B 70 13.94 -5.26 -15.24
CA ILE B 70 12.83 -5.87 -14.51
C ILE B 70 12.55 -7.25 -15.09
N SER B 71 12.08 -8.18 -14.25
CA SER B 71 11.90 -9.56 -14.68
C SER B 71 10.73 -10.22 -13.97
N VAL B 72 10.17 -11.24 -14.61
CA VAL B 72 9.03 -12.02 -14.12
C VAL B 72 9.46 -13.47 -13.93
N ASP B 73 9.02 -14.08 -12.83
CA ASP B 73 9.20 -15.52 -12.63
C ASP B 73 7.83 -16.18 -12.55
N LYS B 74 7.44 -16.90 -13.59
CA LYS B 74 6.15 -17.55 -13.65
C LYS B 74 5.97 -18.59 -12.55
N SER B 75 7.05 -19.26 -12.15
CA SER B 75 6.96 -20.43 -11.28
C SER B 75 6.81 -20.11 -9.81
N LYS B 76 6.93 -18.85 -9.42
CA LYS B 76 6.84 -18.48 -8.02
C LYS B 76 5.85 -17.36 -7.79
N ASN B 77 5.20 -16.85 -8.85
CA ASN B 77 4.28 -15.72 -8.75
C ASN B 77 4.99 -14.46 -8.24
N GLN B 78 6.12 -14.12 -8.88
CA GLN B 78 7.02 -13.05 -8.45
CA GLN B 78 6.88 -12.96 -8.45
C GLN B 78 7.42 -12.16 -9.62
N PHE B 79 7.83 -10.93 -9.31
CA PHE B 79 8.60 -10.09 -10.22
C PHE B 79 9.62 -9.28 -9.43
N SER B 80 10.66 -8.78 -10.09
CA SER B 80 11.81 -8.22 -9.38
C SER B 80 12.42 -7.03 -10.14
N LEU B 81 13.32 -6.32 -9.46
CA LEU B 81 14.03 -5.14 -9.97
C LEU B 81 15.51 -5.22 -9.69
N LYS B 82 16.34 -4.83 -10.66
CA LYS B 82 17.76 -4.59 -10.46
C LYS B 82 18.13 -3.20 -10.94
N LEU B 83 19.01 -2.51 -10.23
CA LEU B 83 19.42 -1.16 -10.58
C LEU B 83 20.92 -1.02 -10.37
N SER B 84 21.68 -0.97 -11.45
CA SER B 84 23.13 -1.00 -11.33
C SER B 84 23.70 0.36 -10.99
N SER B 85 24.96 0.35 -10.54
CA SER B 85 25.78 1.56 -10.38
C SER B 85 25.15 2.59 -9.47
N VAL B 86 24.65 2.13 -8.32
CA VAL B 86 23.89 3.02 -7.43
C VAL B 86 24.80 4.10 -6.88
N THR B 87 24.18 5.24 -6.55
CA THR B 87 24.82 6.34 -5.84
C THR B 87 23.85 6.86 -4.80
N ALA B 88 24.35 7.77 -3.96
CA ALA B 88 23.56 8.27 -2.83
C ALA B 88 22.20 8.83 -3.24
N ALA B 89 22.06 9.32 -4.47
CA ALA B 89 20.79 9.84 -4.95
C ALA B 89 19.68 8.81 -5.03
N ASP B 90 19.98 7.52 -4.94
CA ASP B 90 19.00 6.45 -5.03
C ASP B 90 18.34 6.08 -3.71
N THR B 91 18.59 6.79 -2.63
CA THR B 91 17.94 6.52 -1.35
C THR B 91 16.46 6.86 -1.40
N ALA B 92 15.59 5.88 -1.23
CA ALA B 92 14.15 6.11 -1.35
C ALA B 92 13.40 4.94 -0.73
N VAL B 93 12.10 5.12 -0.55
CA VAL B 93 11.15 4.02 -0.37
C VAL B 93 10.70 3.50 -1.72
N TYR B 94 10.66 2.17 -1.87
CA TYR B 94 10.27 1.52 -3.11
C TYR B 94 8.95 0.78 -2.93
N TYR B 95 8.03 0.91 -3.89
CA TYR B 95 6.73 0.24 -3.89
C TYR B 95 6.54 -0.61 -5.12
N CYS B 96 5.84 -1.74 -4.97
CA CYS B 96 5.35 -2.51 -6.09
C CYS B 96 3.83 -2.41 -6.21
N ALA B 97 3.32 -2.38 -7.44
CA ALA B 97 1.92 -2.09 -7.69
C ALA B 97 1.42 -2.86 -8.91
N ARG B 98 0.09 -2.94 -9.05
CA ARG B 98 -0.63 -3.55 -10.16
C ARG B 98 -1.69 -2.61 -10.72
N GLY B 99 -1.84 -2.57 -12.03
CA GLY B 99 -2.92 -1.78 -12.60
C GLY B 99 -3.06 -1.94 -14.09
N SER B 100 -3.71 -0.96 -14.71
CA SER B 100 -3.97 -0.92 -16.15
C SER B 100 -4.72 -2.15 -16.64
N SER B 101 -5.85 -2.43 -16.01
CA SER B 101 -6.64 -3.61 -16.33
C SER B 101 -7.25 -3.52 -17.73
N SER B 102 -7.23 -4.63 -18.45
CA SER B 102 -7.91 -4.70 -19.74
C SER B 102 -9.41 -4.90 -19.64
N TRP B 103 -9.94 -5.22 -18.47
CA TRP B 103 -11.37 -5.37 -18.36
C TRP B 103 -12.05 -4.03 -18.17
N TYR B 104 -11.67 -3.30 -17.14
CA TYR B 104 -12.31 -2.03 -16.81
C TYR B 104 -11.22 -1.15 -16.21
N ASP B 105 -10.86 -0.09 -16.91
CA ASP B 105 -9.69 0.71 -16.58
C ASP B 105 -9.96 1.64 -15.40
N LEU B 106 -9.18 1.50 -14.34
CA LEU B 106 -9.16 2.45 -13.24
C LEU B 106 -7.88 3.26 -13.16
N GLY B 107 -6.93 3.05 -14.05
CA GLY B 107 -5.67 3.75 -14.01
C GLY B 107 -4.51 2.84 -13.72
N PRO B 108 -3.32 3.41 -13.52
CA PRO B 108 -2.11 2.59 -13.46
C PRO B 108 -1.81 1.92 -12.13
N PHE B 109 -2.39 2.33 -11.00
CA PHE B 109 -1.96 1.85 -9.68
C PHE B 109 -3.15 1.48 -8.80
N ASP B 110 -3.87 0.42 -9.16
CA ASP B 110 -5.04 0.02 -8.38
C ASP B 110 -4.67 -0.55 -7.02
N TYR B 111 -3.60 -1.33 -6.91
CA TYR B 111 -3.23 -1.96 -5.64
C TYR B 111 -1.77 -1.70 -5.33
N TRP B 112 -1.45 -1.48 -4.06
CA TRP B 112 -0.11 -1.09 -3.64
C TRP B 112 0.41 -2.03 -2.57
N GLY B 113 1.73 -2.28 -2.60
CA GLY B 113 2.44 -2.85 -1.48
C GLY B 113 2.67 -1.85 -0.36
N GLN B 114 3.08 -2.36 0.80
CA GLN B 114 3.37 -1.48 1.94
C GLN B 114 4.69 -0.72 1.83
N GLY B 115 5.57 -1.06 0.90
CA GLY B 115 6.81 -0.34 0.68
C GLY B 115 7.97 -0.83 1.52
N THR B 116 9.18 -0.49 1.05
CA THR B 116 10.42 -0.85 1.73
C THR B 116 11.46 0.23 1.48
N CYS B 117 12.38 0.38 2.41
CA CYS B 117 13.32 1.50 2.45
C CYS B 117 14.74 1.04 2.20
N VAL B 118 15.45 1.76 1.32
CA VAL B 118 16.82 1.43 0.92
C VAL B 118 17.70 2.65 1.13
N THR B 119 18.82 2.48 1.83
CA THR B 119 19.80 3.53 2.07
C THR B 119 21.11 3.19 1.37
N VAL B 120 21.61 4.11 0.56
CA VAL B 120 22.88 3.92 -0.16
C VAL B 120 23.94 4.79 0.49
N SER B 121 24.98 4.15 1.04
CA SER B 121 25.99 4.88 1.78
C SER B 121 27.28 4.07 1.81
N SER B 122 28.39 4.79 1.98
CA SER B 122 29.69 4.15 2.18
C SER B 122 29.95 3.70 3.61
N ALA B 123 29.26 4.26 4.60
CA ALA B 123 29.48 3.91 5.99
C ALA B 123 29.18 2.43 6.24
N SER B 124 29.53 1.97 7.44
CA SER B 124 29.54 0.56 7.77
C SER B 124 28.52 0.25 8.87
N THR B 125 27.93 -0.95 8.78
CA THR B 125 26.66 -1.28 9.43
C THR B 125 26.88 -1.70 10.88
N LYS B 126 27.03 -0.71 11.75
CA LYS B 126 27.08 -0.94 13.19
C LYS B 126 25.73 -1.29 13.77
N GLY B 127 25.68 -2.28 14.66
CA GLY B 127 24.50 -2.60 15.45
C GLY B 127 24.32 -1.86 16.76
N PRO B 128 23.07 -1.70 17.22
CA PRO B 128 22.79 -0.87 18.40
C PRO B 128 23.15 -1.52 19.73
N SER B 129 23.46 -0.67 20.70
CA SER B 129 23.33 -0.97 22.12
C SER B 129 21.92 -0.66 22.60
N VAL B 130 21.47 -1.37 23.65
CA VAL B 130 20.14 -1.20 24.21
C VAL B 130 20.24 -1.06 25.73
N PHE B 131 19.61 -0.03 26.28
CA PHE B 131 19.61 0.26 27.71
C PHE B 131 18.21 0.49 28.25
N PRO B 132 17.94 0.09 29.49
CA PRO B 132 16.63 0.32 30.10
C PRO B 132 16.48 1.73 30.67
N LEU B 133 15.33 2.35 30.39
CA LEU B 133 14.89 3.60 31.03
C LEU B 133 13.95 3.26 32.18
N ALA B 134 14.51 3.08 33.36
CA ALA B 134 13.76 2.53 34.48
C ALA B 134 12.72 3.52 35.01
N PRO B 135 11.56 3.04 35.45
CA PRO B 135 10.53 3.92 35.97
C PRO B 135 10.88 4.47 37.34
N SER B 136 10.30 5.62 37.64
CA SER B 136 10.50 6.24 38.94
C SER B 136 9.18 6.71 39.54
N GLY B 142 -0.38 10.54 39.50
CA GLY B 142 0.27 9.44 40.19
C GLY B 142 -0.38 8.10 39.92
N GLY B 143 -1.48 8.12 39.17
CA GLY B 143 -2.15 6.89 38.79
C GLY B 143 -1.40 6.05 37.79
N THR B 144 -0.42 6.62 37.10
CA THR B 144 0.36 5.90 36.11
C THR B 144 1.83 6.20 36.26
N ALA B 145 2.65 5.36 35.63
CA ALA B 145 4.08 5.57 35.50
C ALA B 145 4.49 5.31 34.06
N ALA B 146 5.73 5.67 33.73
CA ALA B 146 6.26 5.46 32.39
C ALA B 146 7.64 4.82 32.47
N LEU B 147 7.94 4.00 31.46
CA LEU B 147 9.19 3.27 31.38
C LEU B 147 9.48 2.94 29.92
N GLY B 148 10.75 2.70 29.59
CA GLY B 148 11.09 2.54 28.20
C GLY B 148 12.42 1.89 27.93
N CYS B 149 12.77 1.80 26.64
CA CYS B 149 14.04 1.26 26.18
C CYS B 149 14.75 2.28 25.30
N LEU B 150 16.05 2.44 25.50
CA LEU B 150 16.90 3.31 24.70
C LEU B 150 17.73 2.51 23.70
N VAL B 151 17.65 2.89 22.44
CA VAL B 151 18.37 2.24 21.35
C VAL B 151 19.42 3.20 20.82
N LYS B 152 20.71 2.87 20.95
CA LYS B 152 21.76 3.87 20.86
C LYS B 152 22.87 3.47 19.90
N ASP B 153 23.32 4.42 19.07
CA ASP B 153 24.48 4.31 18.18
C ASP B 153 24.38 3.14 17.20
N TYR B 154 23.44 3.27 16.28
CA TYR B 154 23.27 2.26 15.25
C TYR B 154 23.20 2.92 13.89
N PHE B 155 23.59 2.18 12.86
CA PHE B 155 23.62 2.71 11.50
C PHE B 155 22.86 1.84 10.53
N CYS B 156 22.22 2.52 9.57
CA CYS B 156 21.20 2.04 8.65
C CYS B 156 19.93 2.26 9.44
N GLU B 157 19.28 3.41 9.20
CA GLU B 157 18.20 3.87 10.07
C GLU B 157 16.89 3.12 9.94
N CYS B 158 16.62 2.45 8.84
CA CYS B 158 15.18 2.24 8.68
C CYS B 158 14.54 0.87 8.93
N PRO B 159 15.22 -0.27 8.81
CA PRO B 159 14.58 -1.55 9.13
C PRO B 159 14.67 -1.95 10.60
N VAL B 160 14.25 -1.06 11.49
CA VAL B 160 14.35 -1.29 12.93
C VAL B 160 12.95 -1.38 13.50
N THR B 161 12.74 -2.33 14.42
CA THR B 161 11.43 -2.59 15.00
C THR B 161 11.53 -2.76 16.51
N VAL B 162 10.53 -2.26 17.23
CA VAL B 162 10.44 -2.42 18.67
C VAL B 162 9.03 -2.87 19.01
N SER B 163 8.92 -3.87 19.87
CA SER B 163 7.63 -4.32 20.38
C SER B 163 7.81 -4.71 21.83
N TRP B 164 6.71 -4.75 22.57
CA TRP B 164 6.73 -5.05 23.98
C TRP B 164 6.03 -6.37 24.29
N ASN B 165 6.62 -7.15 25.19
CA ASN B 165 6.09 -8.45 25.59
C ASN B 165 5.65 -9.29 24.39
N SER B 166 6.49 -9.33 23.36
CA SER B 166 6.26 -10.11 22.15
C SER B 166 4.95 -9.77 21.44
N GLY B 167 4.38 -8.62 21.71
CA GLY B 167 3.12 -8.23 21.11
C GLY B 167 1.92 -8.33 22.03
N ALA B 168 2.07 -8.93 23.20
CA ALA B 168 0.96 -9.08 24.12
C ALA B 168 0.56 -7.78 24.80
N LEU B 169 1.39 -6.74 24.73
CA LEU B 169 1.09 -5.43 25.29
C LEU B 169 1.08 -4.40 24.17
N THR B 170 -0.07 -3.77 23.94
CA THR B 170 -0.17 -2.86 22.81
C THR B 170 -0.97 -1.60 23.09
N SER B 171 -1.37 -1.33 24.32
CA SER B 171 -2.08 -0.12 24.69
C SER B 171 -1.14 0.81 25.45
N GLY B 172 -1.08 2.07 25.02
CA GLY B 172 -0.21 3.03 25.67
C GLY B 172 1.24 2.98 25.23
N VAL B 173 1.52 2.40 24.07
CA VAL B 173 2.87 2.30 23.55
C VAL B 173 3.10 3.44 22.57
N HIS B 174 4.20 4.17 22.75
CA HIS B 174 4.55 5.25 21.86
C HIS B 174 6.03 5.13 21.53
N THR B 175 6.37 5.29 20.25
CA THR B 175 7.75 5.17 19.78
C THR B 175 8.11 6.42 18.99
N PHE B 176 9.12 7.11 19.43
CA PHE B 176 9.45 8.41 18.88
C PHE B 176 10.31 8.29 17.64
N PRO B 177 10.39 9.33 16.82
CA PRO B 177 11.37 9.35 15.73
C PRO B 177 12.81 9.31 16.22
N ALA B 178 13.68 8.75 15.40
CA ALA B 178 15.12 8.75 15.66
C ALA B 178 15.75 10.11 15.42
N VAL B 179 16.86 10.36 16.11
CA VAL B 179 17.68 11.56 15.88
C VAL B 179 19.02 11.16 15.30
N LEU B 180 19.43 11.83 14.24
CA LEU B 180 20.77 11.70 13.67
C LEU B 180 21.76 12.52 14.47
N GLN B 181 22.66 11.85 15.19
CA GLN B 181 23.64 12.54 16.01
C GLN B 181 24.79 13.06 15.16
N SER B 182 25.56 13.98 15.75
CA SER B 182 26.74 14.54 15.09
C SER B 182 27.77 13.51 14.67
N SER B 183 27.82 12.34 15.31
CA SER B 183 28.75 11.31 14.89
C SER B 183 28.32 10.56 13.65
N GLY B 184 27.13 10.83 13.11
CA GLY B 184 26.59 10.07 12.01
C GLY B 184 25.84 8.80 12.40
N LEU B 185 25.68 8.53 13.69
CA LEU B 185 24.97 7.35 14.16
C LEU B 185 23.66 7.74 14.82
N TYR B 186 22.63 6.92 14.65
CA TYR B 186 21.28 7.18 15.13
C TYR B 186 21.07 6.76 16.57
N SER B 187 20.05 7.37 17.19
CA SER B 187 19.47 6.92 18.44
C SER B 187 17.96 6.93 18.34
N LEU B 188 17.32 6.12 19.18
CA LEU B 188 15.87 5.91 19.14
C LEU B 188 15.40 5.62 20.55
N SER B 189 14.14 5.96 20.85
CA SER B 189 13.57 5.65 22.15
C SER B 189 12.14 5.16 22.01
N SER B 190 11.75 4.21 22.84
CA SER B 190 10.38 3.72 22.89
C SER B 190 9.91 3.65 24.34
N VAL B 191 8.67 4.06 24.58
CA VAL B 191 8.16 4.23 25.94
C VAL B 191 6.70 3.77 26.01
N VAL B 192 6.32 3.24 27.16
CA VAL B 192 4.95 2.77 27.42
C VAL B 192 4.55 3.29 28.80
N THR B 193 3.26 3.52 28.99
CA THR B 193 2.71 3.90 30.29
C THR B 193 1.70 2.89 30.80
N VAL B 194 1.76 2.61 32.10
CA VAL B 194 1.04 1.48 32.68
C VAL B 194 0.53 1.86 34.06
N PRO B 195 -0.53 1.18 34.51
CA PRO B 195 -1.04 1.43 35.87
C PRO B 195 0.01 1.14 36.93
N SER B 196 0.17 2.10 37.85
CA SER B 196 1.25 2.05 38.81
C SER B 196 1.16 0.87 39.76
N SER B 197 -0.03 0.32 39.99
CA SER B 197 -0.13 -0.87 40.81
C SER B 197 0.44 -2.11 40.13
N SER B 198 0.44 -2.15 38.79
CA SER B 198 0.92 -3.31 38.08
C SER B 198 2.42 -3.55 38.24
N LEU B 199 3.18 -2.53 38.67
CA LEU B 199 4.63 -2.67 38.81
C LEU B 199 5.05 -3.78 39.77
N GLY B 200 4.18 -4.18 40.69
CA GLY B 200 4.53 -5.27 41.56
C GLY B 200 4.19 -6.66 41.06
N THR B 201 3.51 -6.77 39.92
CA THR B 201 2.97 -8.04 39.47
C THR B 201 2.83 -8.04 37.95
N GLN B 202 3.94 -7.78 37.27
CA GLN B 202 3.94 -7.83 35.81
C GLN B 202 5.38 -7.99 35.37
N THR B 203 5.56 -8.27 34.08
CA THR B 203 6.89 -8.22 33.48
C THR B 203 6.81 -7.51 32.15
N TYR B 204 7.73 -6.57 31.93
CA TYR B 204 7.77 -5.78 30.71
C TYR B 204 9.11 -6.03 30.04
N ILE B 205 9.06 -6.46 28.79
CA ILE B 205 10.26 -6.74 28.02
C ILE B 205 10.13 -6.07 26.66
N CYS B 206 11.18 -5.38 26.23
CA CYS B 206 11.22 -4.80 24.89
C CYS B 206 12.08 -5.65 23.97
N ASN B 207 11.65 -5.79 22.73
CA ASN B 207 12.31 -6.65 21.77
C ASN B 207 12.74 -5.84 20.55
N VAL B 208 14.01 -5.53 20.46
CA VAL B 208 14.55 -4.77 19.35
C VAL B 208 15.03 -5.73 18.28
N ASN B 209 14.81 -5.38 17.02
CA ASN B 209 15.25 -6.21 15.90
C ASN B 209 15.79 -5.29 14.81
N HIS B 210 17.11 -5.29 14.63
CA HIS B 210 17.78 -4.56 13.56
C HIS B 210 18.26 -5.58 12.55
N LYS B 211 17.71 -5.55 11.35
CA LYS B 211 18.08 -6.59 10.40
C LYS B 211 19.42 -6.38 9.69
N PRO B 212 19.79 -5.16 9.29
CA PRO B 212 21.08 -5.00 8.59
C PRO B 212 22.29 -5.45 9.39
N SER B 213 22.24 -5.49 10.70
CA SER B 213 23.31 -6.09 11.47
C SER B 213 22.93 -7.46 12.01
N ASN B 214 21.72 -7.91 11.72
CA ASN B 214 21.15 -9.14 12.29
C ASN B 214 21.17 -9.17 13.82
N THR B 215 21.07 -8.00 14.46
CA THR B 215 20.96 -7.90 15.90
C THR B 215 19.56 -8.24 16.40
N LYS B 216 19.47 -9.12 17.40
CA LYS B 216 18.26 -9.31 18.19
C LYS B 216 18.59 -9.21 19.67
N VAL B 217 17.86 -8.38 20.40
CA VAL B 217 18.09 -8.20 21.84
C VAL B 217 16.76 -8.11 22.57
N ASP B 218 16.64 -8.83 23.68
CA ASP B 218 15.56 -8.63 24.65
C ASP B 218 16.13 -8.06 25.93
N LYS B 219 15.58 -6.95 26.40
CA LYS B 219 15.95 -6.35 27.68
C LYS B 219 14.75 -6.27 28.60
N LYS B 220 14.88 -6.84 29.78
CA LYS B 220 13.87 -6.70 30.81
C LYS B 220 14.07 -5.38 31.56
N VAL B 221 12.98 -4.63 31.74
CA VAL B 221 12.98 -3.34 32.41
C VAL B 221 12.23 -3.47 33.71
N GLU B 222 12.85 -3.02 34.80
CA GLU B 222 12.26 -3.23 36.11
C GLU B 222 12.54 -2.04 37.00
N PRO B 223 11.77 -1.87 38.08
CA PRO B 223 11.96 -0.71 38.95
C PRO B 223 13.35 -0.70 39.56
N LYS B 224 13.95 0.48 39.59
CA LYS B 224 15.28 0.65 40.16
C LYS B 224 15.32 0.19 41.60
N SER C 1 9.81 16.85 -11.63
CA SER C 1 8.44 16.59 -12.02
C SER C 1 8.17 17.24 -13.35
N VAL C 2 7.19 16.73 -14.09
CA VAL C 2 6.87 17.27 -15.39
C VAL C 2 5.55 18.03 -15.42
N LEU C 3 4.59 17.66 -14.59
CA LEU C 3 3.41 18.47 -14.36
C LEU C 3 3.66 19.42 -13.20
N THR C 4 3.01 20.58 -13.22
CA THR C 4 3.23 21.62 -12.24
C THR C 4 2.06 21.72 -11.28
N GLN C 5 2.33 21.70 -9.98
CA GLN C 5 1.33 21.92 -8.94
C GLN C 5 1.78 23.01 -7.99
N PRO C 6 0.85 23.74 -7.40
CA PRO C 6 1.20 24.64 -6.30
C PRO C 6 1.54 23.88 -5.04
N PRO C 7 2.55 24.34 -4.29
CA PRO C 7 3.04 23.56 -3.15
C PRO C 7 2.07 23.41 -2.00
N SER C 8 1.09 24.30 -1.82
CA SER C 8 0.24 24.19 -0.64
C SER C 8 -1.10 24.86 -0.87
N ALA C 9 -2.08 24.48 -0.05
CA ALA C 9 -3.40 25.08 -0.03
C ALA C 9 -3.99 24.95 1.37
N SER C 10 -4.98 25.78 1.68
CA SER C 10 -5.57 25.72 3.02
C SER C 10 -6.98 26.29 3.03
N GLY C 11 -7.72 25.98 4.09
CA GLY C 11 -9.04 26.53 4.28
C GLY C 11 -9.55 26.24 5.68
N THR C 12 -10.59 26.97 6.08
CA THR C 12 -11.28 26.75 7.34
C THR C 12 -12.31 25.65 7.21
N PRO C 13 -12.67 25.00 8.32
CA PRO C 13 -13.68 23.94 8.25
C PRO C 13 -14.98 24.39 7.62
N GLY C 14 -15.54 23.50 6.80
CA GLY C 14 -16.78 23.75 6.11
C GLY C 14 -16.68 24.48 4.80
N GLN C 15 -15.62 25.25 4.55
CA GLN C 15 -15.53 25.94 3.27
C GLN C 15 -15.05 25.00 2.16
N ARG C 16 -15.11 25.49 0.92
CA ARG C 16 -14.55 24.82 -0.26
C ARG C 16 -13.11 25.20 -0.60
N VAL C 17 -12.34 24.22 -1.10
CA VAL C 17 -10.96 24.40 -1.52
C VAL C 17 -10.78 23.86 -2.94
N THR C 18 -9.76 24.35 -3.65
CA THR C 18 -9.46 23.93 -5.01
C THR C 18 -7.97 23.78 -5.22
N ILE C 19 -7.57 22.72 -5.93
CA ILE C 19 -6.17 22.43 -6.25
C ILE C 19 -6.05 22.33 -7.77
N SER C 20 -4.90 22.71 -8.32
CA SER C 20 -4.72 22.70 -9.77
C SER C 20 -3.44 21.99 -10.16
N CYS C 21 -3.39 21.57 -11.41
CA CYS C 21 -2.27 20.83 -11.98
C CYS C 21 -2.20 21.18 -13.45
N SER C 22 -1.03 21.61 -13.92
CA SER C 22 -0.85 22.09 -15.29
C SER C 22 0.19 21.27 -16.01
N GLY C 23 0.01 21.11 -17.31
CA GLY C 23 0.90 20.28 -18.11
C GLY C 23 1.05 20.80 -19.50
N SER C 24 1.18 19.88 -20.45
CA SER C 24 1.53 20.21 -21.82
C SER C 24 0.69 19.39 -22.78
N SER C 25 0.76 19.74 -24.06
CA SER C 25 -0.04 19.06 -25.08
C SER C 25 0.29 17.58 -25.20
N SER C 26 1.53 17.17 -24.90
CA SER C 26 1.87 15.75 -25.00
C SER C 26 1.27 14.90 -23.90
N ASN C 27 0.81 15.49 -22.81
CA ASN C 27 0.31 14.70 -21.70
C ASN C 27 -1.10 15.12 -21.31
N ILE C 28 -1.28 16.07 -20.41
CA ILE C 28 -2.63 16.42 -19.99
C ILE C 28 -3.47 16.85 -21.17
N GLY C 29 -2.86 17.39 -22.21
CA GLY C 29 -3.59 17.69 -23.41
C GLY C 29 -4.25 16.47 -24.01
N SER C 30 -3.46 15.45 -24.31
CA SER C 30 -3.95 14.30 -25.04
C SER C 30 -4.67 13.26 -24.18
N ASN C 31 -4.30 13.07 -22.92
CA ASN C 31 -4.74 11.89 -22.17
C ASN C 31 -5.60 12.23 -20.97
N TYR C 32 -6.08 11.19 -20.29
CA TYR C 32 -6.83 11.29 -19.04
C TYR C 32 -5.94 11.67 -17.86
N VAL C 33 -6.56 12.23 -16.82
CA VAL C 33 -5.91 12.60 -15.57
C VAL C 33 -6.45 11.75 -14.43
N TYR C 34 -5.55 11.30 -13.54
CA TYR C 34 -5.87 10.51 -12.36
C TYR C 34 -5.36 11.23 -11.11
N TRP C 35 -6.08 11.10 -10.00
CA TRP C 35 -5.72 11.78 -8.76
C TRP C 35 -5.52 10.78 -7.63
N TYR C 36 -4.46 10.96 -6.84
CA TYR C 36 -4.16 10.08 -5.72
C TYR C 36 -4.04 10.88 -4.42
N GLN C 37 -4.42 10.25 -3.32
CA GLN C 37 -4.34 10.82 -1.99
C GLN C 37 -3.39 9.99 -1.15
N GLN C 38 -2.55 10.65 -0.35
CA GLN C 38 -1.65 9.93 0.54
C GLN C 38 -1.68 10.50 1.94
N LEU C 39 -1.83 9.64 2.93
CA LEU C 39 -1.73 10.01 4.33
C LEU C 39 -0.36 9.62 4.84
N CYS C 40 0.22 10.48 5.67
CA CYS C 40 1.63 10.34 6.01
C CYS C 40 1.91 9.00 6.68
N GLY C 41 2.86 8.26 6.10
CA GLY C 41 3.24 6.94 6.56
C GLY C 41 2.56 5.77 5.89
N THR C 42 1.81 5.98 4.81
CA THR C 42 1.12 4.89 4.14
C THR C 42 1.25 5.07 2.63
N ALA C 43 0.93 3.99 1.91
CA ALA C 43 0.92 4.05 0.46
C ALA C 43 -0.21 4.94 -0.05
N PRO C 44 -0.06 5.49 -1.25
CA PRO C 44 -1.13 6.28 -1.86
C PRO C 44 -2.39 5.46 -2.12
N LYS C 45 -3.48 6.17 -2.36
CA LYS C 45 -4.78 5.57 -2.62
C LYS C 45 -5.45 6.31 -3.77
N LEU C 46 -6.11 5.58 -4.67
CA LEU C 46 -6.83 6.21 -5.76
C LEU C 46 -7.98 7.07 -5.24
N LEU C 47 -8.25 8.18 -5.93
CA LEU C 47 -9.28 9.10 -5.51
C LEU C 47 -10.24 9.49 -6.64
N ILE C 48 -9.71 9.90 -7.78
CA ILE C 48 -10.49 10.23 -8.96
C ILE C 48 -9.80 9.65 -10.17
N TYR C 49 -10.55 9.01 -11.05
CA TYR C 49 -10.00 8.45 -12.27
C TYR C 49 -10.78 8.94 -13.47
N ARG C 50 -10.11 8.98 -14.61
CA ARG C 50 -10.68 9.45 -15.87
CA ARG C 50 -10.67 9.44 -15.87
C ARG C 50 -11.40 10.78 -15.71
N ASN C 51 -10.63 11.79 -15.28
CA ASN C 51 -11.12 13.15 -15.10
C ASN C 51 -12.09 13.30 -13.94
N ASN C 52 -13.26 12.67 -13.98
CA ASN C 52 -14.22 12.95 -12.93
C ASN C 52 -15.05 11.73 -12.57
N GLN C 53 -14.46 10.67 -12.06
CA GLN C 53 -15.24 9.53 -11.60
C GLN C 53 -14.70 9.02 -10.28
N ARG C 54 -15.57 8.69 -9.41
CA ARG C 54 -15.17 8.28 -8.08
C ARG C 54 -15.23 6.78 -7.93
N PRO C 55 -14.19 6.16 -7.39
CA PRO C 55 -14.27 4.75 -7.04
C PRO C 55 -15.17 4.53 -5.84
N SER C 56 -15.43 3.27 -5.53
CA SER C 56 -16.21 2.93 -4.36
C SER C 56 -15.58 3.48 -3.09
N GLY C 57 -16.40 4.04 -2.22
CA GLY C 57 -15.96 4.51 -0.94
C GLY C 57 -15.41 5.91 -0.89
N VAL C 58 -15.53 6.68 -1.96
CA VAL C 58 -15.12 8.09 -1.97
C VAL C 58 -16.39 8.94 -1.88
N PRO C 59 -16.52 9.81 -0.89
CA PRO C 59 -17.74 10.61 -0.71
C PRO C 59 -18.02 11.51 -1.90
N ASP C 60 -19.17 12.15 -1.83
CA ASP C 60 -19.61 13.04 -2.89
C ASP C 60 -18.98 14.42 -2.81
N ARG C 61 -18.13 14.66 -1.83
CA ARG C 61 -17.48 15.96 -1.67
C ARG C 61 -16.38 16.19 -2.68
N PHE C 62 -15.88 15.14 -3.32
CA PHE C 62 -14.74 15.22 -4.21
C PHE C 62 -15.21 15.23 -5.66
N SER C 63 -14.77 16.20 -6.43
CA SER C 63 -15.09 16.28 -7.84
C SER C 63 -13.86 16.78 -8.60
N GLY C 64 -13.78 16.41 -9.87
CA GLY C 64 -12.62 16.73 -10.66
C GLY C 64 -13.01 17.24 -12.02
N SER C 65 -12.07 17.92 -12.67
CA SER C 65 -12.34 18.59 -13.93
C SER C 65 -11.10 18.58 -14.80
N LYS C 66 -11.29 18.73 -16.10
CA LYS C 66 -10.20 18.90 -17.05
C LYS C 66 -10.59 19.96 -18.07
N SER C 67 -9.65 20.85 -18.40
CA SER C 67 -9.91 21.86 -19.40
C SER C 67 -8.63 22.24 -20.13
N GLY C 68 -8.58 22.01 -21.43
CA GLY C 68 -7.36 22.22 -22.17
C GLY C 68 -6.23 21.39 -21.61
N THR C 69 -5.09 22.04 -21.33
CA THR C 69 -3.93 21.40 -20.74
C THR C 69 -3.88 21.56 -19.23
N SER C 70 -5.01 21.77 -18.57
CA SER C 70 -5.04 21.97 -17.13
C SER C 70 -6.10 21.08 -16.50
N ALA C 71 -5.93 20.82 -15.21
CA ALA C 71 -6.84 19.96 -14.47
C ALA C 71 -7.14 20.64 -13.15
N SER C 72 -8.18 20.17 -12.47
CA SER C 72 -8.53 20.77 -11.19
C SER C 72 -9.20 19.76 -10.29
N LEU C 73 -9.00 19.92 -8.98
CA LEU C 73 -9.67 19.11 -7.97
C LEU C 73 -10.36 20.04 -6.98
N ALA C 74 -11.62 19.76 -6.68
CA ALA C 74 -12.36 20.56 -5.72
C ALA C 74 -12.80 19.71 -4.54
N ILE C 75 -12.78 20.31 -3.36
CA ILE C 75 -13.18 19.64 -2.13
C ILE C 75 -14.11 20.58 -1.39
N SER C 76 -15.21 20.06 -0.87
CA SER C 76 -16.18 20.89 -0.18
C SER C 76 -16.60 20.22 1.12
N GLY C 77 -17.06 21.02 2.07
CA GLY C 77 -17.26 20.53 3.41
C GLY C 77 -16.00 20.04 4.07
N LEU C 78 -14.95 20.84 4.01
CA LEU C 78 -13.63 20.46 4.50
C LEU C 78 -13.68 19.94 5.94
N ARG C 79 -12.92 18.89 6.20
CA ARG C 79 -12.82 18.27 7.52
C ARG C 79 -11.41 17.79 7.79
N CYS C 80 -11.09 17.51 9.06
CA CYS C 80 -9.78 16.96 9.38
C CYS C 80 -9.45 15.66 8.67
N GLU C 81 -10.45 14.87 8.34
CA GLU C 81 -10.24 13.70 7.51
C GLU C 81 -9.41 13.97 6.25
N ASP C 82 -9.37 15.22 5.77
CA ASP C 82 -8.83 15.54 4.45
C ASP C 82 -7.38 16.01 4.43
N GLU C 83 -6.72 16.21 5.57
CA GLU C 83 -5.34 16.68 5.58
C GLU C 83 -4.40 15.61 5.04
N ALA C 84 -3.93 15.78 3.81
CA ALA C 84 -3.16 14.75 3.14
C ALA C 84 -2.36 15.39 2.02
N ASP C 85 -1.48 14.60 1.39
CA ASP C 85 -0.86 14.96 0.12
C ASP C 85 -1.73 14.55 -1.07
N TYR C 86 -1.68 15.34 -2.14
CA TYR C 86 -2.44 15.04 -3.36
C TYR C 86 -1.57 15.14 -4.60
N TYR C 87 -1.67 14.15 -5.49
CA TYR C 87 -0.88 14.07 -6.73
C TYR C 87 -1.75 13.84 -7.95
N CYS C 88 -1.49 14.57 -9.04
CA CYS C 88 -2.01 14.27 -10.36
C CYS C 88 -1.05 13.38 -11.14
N ALA C 89 -1.58 12.55 -12.06
CA ALA C 89 -0.75 11.72 -12.89
C ALA C 89 -1.32 11.57 -14.29
N ALA C 90 -0.43 11.43 -15.29
CA ALA C 90 -0.84 11.22 -16.68
C ALA C 90 0.26 10.51 -17.45
N TRP C 91 -0.10 9.97 -18.61
CA TRP C 91 0.82 9.38 -19.58
C TRP C 91 1.31 10.46 -20.53
N ASP C 92 2.53 10.30 -21.04
CA ASP C 92 3.14 11.27 -21.94
C ASP C 92 3.59 10.61 -23.24
N GLU C 93 2.99 11.01 -24.37
CA GLU C 93 3.32 10.42 -25.65
C GLU C 93 4.73 10.73 -26.14
N ARG C 94 5.37 11.76 -25.65
CA ARG C 94 6.71 12.07 -26.12
C ARG C 94 7.78 11.28 -25.38
N LEU C 95 7.45 10.72 -24.22
CA LEU C 95 8.39 9.98 -23.42
C LEU C 95 8.02 8.52 -23.30
N SER C 96 6.77 8.16 -23.54
CA SER C 96 6.25 6.83 -23.26
C SER C 96 6.45 6.45 -21.80
N GLY C 97 5.91 7.28 -20.92
CA GLY C 97 5.95 6.98 -19.51
C GLY C 97 4.95 7.79 -18.74
N TRP C 98 4.64 7.30 -17.54
CA TRP C 98 3.79 8.03 -16.62
C TRP C 98 4.57 9.13 -15.92
N VAL C 99 3.96 10.30 -15.79
CA VAL C 99 4.56 11.45 -15.13
C VAL C 99 3.67 11.90 -14.00
N PHE C 100 4.29 12.46 -12.95
CA PHE C 100 3.61 12.93 -11.75
C PHE C 100 3.77 14.43 -11.59
N GLY C 101 2.83 15.04 -10.87
CA GLY C 101 2.99 16.37 -10.36
C GLY C 101 3.94 16.43 -9.17
N GLY C 102 4.01 17.62 -8.58
CA GLY C 102 4.87 17.83 -7.43
C GLY C 102 4.32 17.36 -6.10
N GLY C 103 3.02 17.30 -5.95
CA GLY C 103 2.36 17.18 -4.66
C GLY C 103 1.91 18.49 -4.08
N THR C 104 0.89 18.43 -3.22
CA THR C 104 0.29 19.60 -2.58
C THR C 104 -0.21 19.24 -1.20
N LYS C 105 0.37 19.83 -0.17
CA LYS C 105 -0.06 19.62 1.20
C LYS C 105 -1.25 20.52 1.53
N LEU C 106 -2.39 19.92 1.84
CA LEU C 106 -3.56 20.64 2.33
C LEU C 106 -3.54 20.77 3.84
N THR C 107 -3.89 21.96 4.34
CA THR C 107 -3.86 22.26 5.76
C THR C 107 -5.19 22.85 6.20
N VAL C 108 -5.69 22.38 7.34
CA VAL C 108 -6.96 22.83 7.90
C VAL C 108 -6.69 23.87 8.97
N LEU C 109 -7.23 25.06 8.78
CA LEU C 109 -7.05 26.15 9.73
C LEU C 109 -8.01 26.04 10.90
N GLY C 110 -7.69 26.76 11.97
CA GLY C 110 -8.54 26.89 13.14
C GLY C 110 -8.51 25.75 14.14
N GLN C 111 -7.52 24.87 14.06
CA GLN C 111 -7.29 23.90 15.12
C GLN C 111 -6.81 24.59 16.40
N PRO C 112 -7.32 24.20 17.56
CA PRO C 112 -6.96 24.89 18.80
C PRO C 112 -5.57 24.55 19.30
N LYS C 113 -5.01 25.49 20.06
CA LYS C 113 -3.70 25.34 20.69
C LYS C 113 -3.70 24.28 21.79
N ALA C 114 -2.67 23.42 21.80
CA ALA C 114 -2.39 22.49 22.89
C ALA C 114 -0.92 22.58 23.29
N ALA C 115 -0.66 22.55 24.62
CA ALA C 115 0.64 22.74 25.26
C ALA C 115 1.34 21.40 25.55
N PRO C 116 2.68 21.42 25.57
CA PRO C 116 3.46 20.16 25.64
C PRO C 116 3.51 19.53 27.01
N SER C 117 3.48 18.19 27.04
CA SER C 117 3.97 17.38 28.15
C SER C 117 5.47 17.09 28.01
N VAL C 118 6.15 16.98 29.15
CA VAL C 118 7.60 16.77 29.19
C VAL C 118 7.95 15.66 30.17
N THR C 119 8.77 14.71 29.72
CA THR C 119 9.29 13.63 30.56
C THR C 119 10.81 13.55 30.45
N LEU C 120 11.49 13.38 31.58
CA LEU C 120 12.95 13.39 31.63
C LEU C 120 13.46 12.17 32.38
N PHE C 121 14.38 11.42 31.74
CA PHE C 121 14.97 10.20 32.31
C PHE C 121 16.45 10.37 32.65
N PRO C 122 16.89 9.95 33.83
CA PRO C 122 18.31 10.01 34.17
C PRO C 122 19.09 8.87 33.55
N PRO C 123 20.42 8.90 33.62
CA PRO C 123 21.24 7.78 33.14
C PRO C 123 20.98 6.49 33.91
N SER C 124 20.84 5.39 33.16
CA SER C 124 20.74 4.06 33.75
C SER C 124 22.08 3.61 34.31
N SER C 125 22.03 2.70 35.28
CA SER C 125 23.23 2.23 35.94
C SER C 125 24.16 1.44 35.03
N GLU C 126 23.65 0.85 33.96
CA GLU C 126 24.51 0.12 33.05
C GLU C 126 25.42 1.05 32.25
N GLU C 127 24.86 2.14 31.73
CA GLU C 127 25.65 3.09 30.96
C GLU C 127 26.80 3.66 31.76
N LEU C 128 26.73 3.61 33.09
CA LEU C 128 27.77 4.19 33.91
C LEU C 128 28.86 3.19 34.24
N GLN C 129 28.59 1.91 34.09
CA GLN C 129 29.62 0.90 34.22
C GLN C 129 30.24 0.57 32.88
N ALA C 130 29.74 1.18 31.81
CA ALA C 130 30.34 1.11 30.49
C ALA C 130 30.91 2.45 30.06
N ASN C 131 30.94 3.42 30.98
CA ASN C 131 31.55 4.73 30.75
C ASN C 131 30.80 5.56 29.72
N LYS C 132 29.55 5.89 30.01
CA LYS C 132 28.79 6.81 29.17
C LYS C 132 27.68 7.43 30.01
N ALA C 133 27.11 8.52 29.51
CA ALA C 133 25.97 9.14 30.17
C ALA C 133 25.13 9.91 29.17
N THR C 134 23.89 9.48 28.97
CA THR C 134 22.94 10.17 28.12
C THR C 134 21.71 10.55 28.92
N LEU C 135 21.26 11.80 28.78
CA LEU C 135 19.98 12.24 29.33
C LEU C 135 18.96 12.35 28.20
N VAL C 136 17.75 11.87 28.45
CA VAL C 136 16.71 11.79 27.45
C VAL C 136 15.55 12.69 27.86
N CYS C 137 15.17 13.62 27.00
CA CYS C 137 14.01 14.48 27.20
C CYS C 137 13.00 14.17 26.11
N LEU C 138 11.80 13.75 26.51
CA LEU C 138 10.75 13.32 25.60
C LEU C 138 9.58 14.27 25.67
N ILE C 139 9.20 14.82 24.53
CA ILE C 139 8.27 15.95 24.44
C ILE C 139 7.10 15.53 23.56
N SER C 140 5.88 15.72 24.06
CA SER C 140 4.76 15.04 23.43
C SER C 140 3.49 15.87 23.43
N ASP C 141 2.68 15.64 22.40
CA ASP C 141 1.27 15.99 22.38
C ASP C 141 0.97 17.48 22.30
N PHE C 142 1.85 18.29 21.71
CA PHE C 142 1.60 19.70 21.48
C PHE C 142 1.09 19.94 20.06
N TYR C 143 0.16 20.88 19.88
CA TYR C 143 -0.32 20.97 18.51
C TYR C 143 0.54 21.87 17.61
N PRO C 144 0.66 23.19 17.84
CA PRO C 144 1.50 23.97 16.91
C PRO C 144 2.91 23.41 16.87
N GLY C 145 3.34 22.89 15.73
CA GLY C 145 4.59 22.15 15.65
C GLY C 145 5.86 22.96 15.56
N ALA C 146 6.13 23.79 16.54
CA ALA C 146 7.36 24.59 16.58
C ALA C 146 7.83 24.67 18.02
N VAL C 147 8.90 23.95 18.34
CA VAL C 147 9.39 23.85 19.71
C VAL C 147 10.89 24.11 19.77
N THR C 148 11.33 24.82 20.80
CA THR C 148 12.73 25.07 21.09
C THR C 148 13.12 24.38 22.38
N VAL C 149 14.30 23.76 22.41
CA VAL C 149 14.73 22.97 23.56
C VAL C 149 16.07 23.49 24.06
N ALA C 150 16.08 23.97 25.29
CA ALA C 150 17.30 24.41 25.94
C ALA C 150 17.61 23.51 27.13
N TRP C 151 18.89 23.31 27.41
CA TRP C 151 19.34 22.55 28.58
C TRP C 151 20.12 23.50 29.47
N LYS C 152 20.14 23.21 30.77
CA LYS C 152 20.77 24.13 31.71
C LYS C 152 21.38 23.34 32.87
N ALA C 153 22.70 23.15 32.83
CA ALA C 153 23.37 22.64 34.01
C ALA C 153 23.24 23.65 35.13
N ASP C 154 22.88 23.18 36.33
CA ASP C 154 22.56 24.08 37.43
C ASP C 154 21.74 25.25 36.93
N SER C 155 22.38 26.40 36.78
CA SER C 155 21.71 27.60 36.32
C SER C 155 22.33 28.21 35.07
N SER C 156 23.46 27.71 34.62
CA SER C 156 24.12 28.27 33.46
C SER C 156 23.90 27.39 32.24
N PRO C 157 23.71 27.98 31.07
CA PRO C 157 23.44 27.19 29.86
C PRO C 157 24.60 26.26 29.54
N VAL C 158 24.26 25.15 28.87
CA VAL C 158 25.21 24.13 28.46
C VAL C 158 24.77 23.62 27.09
N LYS C 159 25.22 24.30 26.03
CA LYS C 159 24.73 24.02 24.70
C LYS C 159 25.67 23.13 23.88
N ALA C 160 26.80 22.73 24.43
CA ALA C 160 27.60 21.68 23.79
C ALA C 160 26.92 20.30 23.88
N GLY C 161 26.98 19.55 22.79
CA GLY C 161 26.50 18.18 22.78
C GLY C 161 25.00 17.96 22.80
N VAL C 162 24.21 18.91 22.31
CA VAL C 162 22.75 18.80 22.34
C VAL C 162 22.21 18.47 20.96
N GLU C 163 21.60 17.28 20.84
CA GLU C 163 20.97 16.83 19.61
C GLU C 163 19.44 16.96 19.73
N THR C 164 18.79 17.33 18.63
CA THR C 164 17.36 17.58 18.67
C THR C 164 16.74 17.22 17.32
N THR C 165 15.53 16.69 17.35
CA THR C 165 14.86 16.33 16.10
C THR C 165 14.19 17.54 15.48
N THR C 166 13.90 17.40 14.18
CA THR C 166 12.93 18.21 13.45
C THR C 166 11.52 17.97 13.99
N PRO C 167 10.53 18.77 13.61
CA PRO C 167 9.14 18.33 13.79
C PRO C 167 8.80 17.09 12.99
N SER C 168 7.82 16.34 13.48
CA SER C 168 7.29 15.18 12.81
C SER C 168 6.45 15.58 11.60
N CYS C 169 6.14 14.60 10.77
CA CYS C 169 5.05 14.73 9.81
C CYS C 169 3.72 14.76 10.55
N GLN C 170 2.69 15.30 9.89
CA GLN C 170 1.40 15.45 10.56
C GLN C 170 0.26 15.19 9.59
N SER C 171 -0.80 14.57 10.09
CA SER C 171 -2.02 14.39 9.31
C SER C 171 -3.19 14.16 10.26
N ASN C 172 -4.40 14.20 9.69
CA ASN C 172 -5.66 14.00 10.41
C ASN C 172 -5.68 14.77 11.72
N CYS C 173 -5.26 16.02 11.68
CA CYS C 173 -5.24 16.89 12.86
C CYS C 173 -4.58 16.23 14.07
N ASN C 174 -3.72 15.24 13.83
CA ASN C 174 -2.93 14.64 14.90
C ASN C 174 -1.89 15.62 15.44
N LYS C 175 -1.53 15.39 16.70
CA LYS C 175 -0.57 16.17 17.46
C LYS C 175 0.86 15.75 17.12
N TYR C 176 1.83 16.61 17.46
CA TYR C 176 3.23 16.38 17.16
C TYR C 176 4.00 15.80 18.33
N ALA C 177 5.21 15.32 18.06
CA ALA C 177 6.14 14.91 19.11
C ALA C 177 7.59 15.16 18.67
N ALA C 178 8.49 15.21 19.66
CA ALA C 178 9.90 15.45 19.40
C ALA C 178 10.70 14.93 20.58
N SER C 179 12.03 14.83 20.41
CA SER C 179 12.88 14.39 21.50
C SER C 179 14.28 14.99 21.37
N SER C 180 14.99 15.06 22.49
CA SER C 180 16.32 15.66 22.57
C SER C 180 17.24 14.85 23.48
N TYR C 181 18.53 14.76 23.12
CA TYR C 181 19.51 13.97 23.88
C TYR C 181 20.74 14.79 24.22
N LEU C 182 21.17 14.74 25.47
CA LEU C 182 22.39 15.38 25.93
C LEU C 182 23.40 14.34 26.39
N SER C 183 24.62 14.40 25.86
CA SER C 183 25.66 13.42 26.14
C SER C 183 26.68 13.97 27.13
N LEU C 184 27.00 13.16 28.14
CA LEU C 184 27.95 13.56 29.18
C LEU C 184 28.95 12.44 29.42
N THR C 185 30.08 12.80 30.03
CA THR C 185 30.94 11.82 30.66
C THR C 185 30.41 11.44 32.03
N PRO C 186 30.78 10.27 32.54
CA PRO C 186 30.36 9.89 33.90
C PRO C 186 30.80 10.85 34.98
N GLU C 187 31.93 11.53 34.81
CA GLU C 187 32.40 12.44 35.85
C GLU C 187 31.58 13.72 35.89
N GLN C 188 31.21 14.24 34.72
CA GLN C 188 30.34 15.39 34.67
C GLN C 188 28.98 15.13 35.32
N TRP C 189 28.52 13.88 35.28
CA TRP C 189 27.25 13.55 35.92
C TRP C 189 27.32 13.72 37.42
N LYS C 190 28.32 13.12 38.05
CA LYS C 190 28.41 13.20 39.51
C LYS C 190 28.80 14.59 40.00
N SER C 191 29.45 15.40 39.18
CA SER C 191 30.03 16.66 39.62
C SER C 191 29.07 17.83 39.61
N HIS C 192 27.82 17.65 39.19
CA HIS C 192 26.84 18.73 39.17
C HIS C 192 25.66 18.38 40.05
N ARG C 193 25.06 19.40 40.65
CA ARG C 193 23.90 19.18 41.51
C ARG C 193 22.64 18.83 40.73
N SER C 194 22.45 19.37 39.52
CA SER C 194 21.18 19.17 38.82
C SER C 194 21.34 19.47 37.34
N TYR C 195 20.37 19.01 36.56
CA TYR C 195 20.24 19.35 35.16
C TYR C 195 18.77 19.55 34.83
N SER C 196 18.48 20.44 33.87
CA SER C 196 17.11 20.70 33.46
C SER C 196 16.97 20.60 31.95
N CYS C 197 15.80 20.14 31.51
CA CYS C 197 15.34 20.23 30.13
C CYS C 197 14.24 21.27 30.09
N GLN C 198 14.36 22.25 29.22
CA GLN C 198 13.48 23.42 29.24
C GLN C 198 12.91 23.65 27.86
N VAL C 199 11.60 23.59 27.73
CA VAL C 199 10.92 23.59 26.45
C VAL C 199 10.03 24.82 26.35
N THR C 200 10.26 25.65 25.34
CA THR C 200 9.49 26.86 25.11
C THR C 200 8.59 26.67 23.90
N HIS C 201 7.31 26.97 24.08
CA HIS C 201 6.33 26.82 23.01
C HIS C 201 5.44 28.05 23.05
N GLU C 202 5.73 29.02 22.19
CA GLU C 202 5.01 30.29 22.15
C GLU C 202 5.01 31.00 23.50
N GLY C 203 6.21 31.19 24.04
CA GLY C 203 6.41 31.83 25.33
C GLY C 203 6.18 30.99 26.58
N SER C 204 5.10 30.22 26.59
CA SER C 204 4.89 29.22 27.64
C SER C 204 6.08 28.27 27.74
N THR C 205 6.71 28.23 28.91
CA THR C 205 7.89 27.39 29.14
C THR C 205 7.59 26.31 30.17
N VAL C 206 8.05 25.08 29.89
CA VAL C 206 7.89 23.93 30.76
C VAL C 206 9.27 23.41 31.12
N GLU C 207 9.50 23.13 32.41
CA GLU C 207 10.82 22.71 32.86
C GLU C 207 10.74 21.49 33.78
N LYS C 208 11.62 20.52 33.54
CA LYS C 208 11.76 19.32 34.36
C LYS C 208 13.20 19.19 34.82
N THR C 209 13.42 18.64 36.00
CA THR C 209 14.76 18.57 36.58
C THR C 209 15.05 17.22 37.22
N VAL C 210 16.31 16.79 37.14
CA VAL C 210 16.77 15.55 37.76
C VAL C 210 18.12 15.78 38.40
N ALA C 211 18.50 14.88 39.29
CA ALA C 211 19.76 14.99 40.02
C ALA C 211 20.32 13.61 40.27
N PRO C 212 21.64 13.47 40.40
CA PRO C 212 22.20 12.24 40.97
C PRO C 212 21.66 11.99 42.37
N THR C 213 21.48 10.72 42.69
CA THR C 213 20.88 10.22 43.92
C THR C 213 19.41 10.56 44.08
N GLU C 214 18.76 11.08 43.05
CA GLU C 214 17.31 11.24 43.06
C GLU C 214 16.61 9.92 43.40
C1 A1AAW D . -17.84 -18.96 -4.66
C2 A1AAW D . -18.44 -18.60 -6.05
C3 A1AAW D . -19.92 -17.21 -7.47
C7 A1AAW D . -24.74 -14.06 -7.66
C8 A1AAW D . -25.09 -13.01 -8.53
C9 A1AAW D . -24.06 -12.38 -9.28
C10 A1AAW D . -24.42 -11.26 -10.21
C11 A1AAW D . -24.94 -11.52 -11.46
C12 A1AAW D . -25.13 -12.95 -11.93
C13 A1AAW D . -25.28 -10.47 -12.33
C14 A1AAW D . -25.10 -9.14 -11.93
C15 A1AAW D . -24.59 -8.88 -10.67
C16 A1AAW D . -23.76 -9.25 -8.63
C19 A1AAW D . -22.43 -13.81 -8.26
C20 A1AAW D . -23.47 -14.43 -7.52
C21 A1AAW D . -21.37 -16.52 -5.23
C22 A1AAW D . -19.88 -16.68 -5.19
CL A1AAW D . -21.50 -11.98 -10.06
C18 A1AAW D . -22.76 -12.77 -9.12
C17 A1AAW D . -24.25 -9.90 -9.82
N5 A1AAW D . -23.84 -7.96 -8.86
N4 A1AAW D . -24.32 -7.72 -10.05
N3 A1AAW D . -25.71 -14.69 -6.95
C6 A1AAW D . -25.39 -15.66 -6.13
N2 A1AAW D . -24.16 -16.07 -5.98
C5 A1AAW D . -23.15 -15.49 -6.66
N1 A1AAW D . -21.79 -15.94 -6.51
C4 A1AAW D . -21.41 -16.99 -7.48
N A1AAW D . -19.40 -17.50 -6.22
O A1AAW D . -18.10 -19.24 -6.98
C A1AAW D . -17.79 -20.48 -4.45
PB GDP E . -15.14 -23.01 -9.18
O1B GDP E . -13.92 -22.13 -9.32
O2B GDP E . -16.25 -22.56 -10.07
O3B GDP E . -15.62 -22.88 -7.77
O3A GDP E . -14.88 -24.56 -9.48
PA GDP E . -13.46 -25.26 -9.54
O1A GDP E . -12.66 -24.95 -8.33
O2A GDP E . -12.72 -24.90 -10.78
O5' GDP E . -13.81 -26.81 -9.60
C5' GDP E . -14.22 -27.43 -8.40
C4' GDP E . -13.80 -28.88 -8.36
O4' GDP E . -14.32 -29.61 -9.46
C3' GDP E . -12.30 -28.99 -8.46
O3' GDP E . -11.83 -29.91 -7.48
C2' GDP E . -12.01 -29.58 -9.81
O2' GDP E . -10.99 -30.55 -9.62
C1' GDP E . -13.28 -30.29 -10.15
N9 GDP E . -13.56 -30.29 -11.59
C8 GDP E . -13.65 -29.22 -12.38
N7 GDP E . -13.92 -29.59 -13.64
C5 GDP E . -13.99 -30.92 -13.67
C6 GDP E . -14.25 -31.95 -14.68
O6 GDP E . -14.45 -31.64 -15.86
N1 GDP E . -14.24 -33.22 -14.32
C2 GDP E . -14.02 -33.57 -13.06
N2 GDP E . -14.04 -34.88 -12.76
N3 GDP E . -13.79 -32.69 -12.08
C4 GDP E . -13.76 -31.37 -12.32
MG MG F . -13.25 -20.37 -9.06
#